data_7RD0
#
_entry.id   7RD0
#
_cell.length_a   85.020
_cell.length_b   114.220
_cell.length_c   154.630
_cell.angle_alpha   90.000
_cell.angle_beta   90.000
_cell.angle_gamma   90.000
#
_symmetry.space_group_name_H-M   'C 2 2 21'
#
loop_
_entity.id
_entity.type
_entity.pdbx_description
1 polymer 'Penicillin-binding protein'
2 non-polymer GLYCEROL
3 non-polymer 'ZINC ION'
4 water water
#
_entity_poly.entity_id   1
_entity_poly.type   'polypeptide(L)'
_entity_poly.pdbx_seq_one_letter_code
;GDKYKQSVESQSVEKVELNSGRGIIYDRNNKKLTDTSKSQVLIVEKEKLNNNYKILELIKKATKMNDLDIYKAVQEQLTR
PIIQIQTKNIDKSMKKELEKNGIMVEEKTMRYAKDGLLSHTIGYIKEDDKSGQSGIEKSMDSVLRNSNEKYISAFKAGDA
GNEKSLNILKGSVKTVDNKDKDRHLKTTIDYNIQKKLEQILNKEENPTAAIISEASTGEILAMCSRPNFDQNDISKSLKG
KNGEFENRVIKATYPPGSVFKMVVLFSALENGVIDENYTYNCTGKTKVGNTNEILRCNKRDGHGFQNLRQAFSNSCNPAF
LDIAMKLGKEKILKSAEKLHLFEKVDIGLDEEKIREAPKNISIRNLAIGQENIEFTPLQINQMTQIIANNGTFKPLYLYK
SLVDNNMNTIKTYKSSKKEELISPYVCTQVKEYMKSVSRIGTAKDLKDIEGGCGVKTGTAQSSLNKKAIDHGWITGFYPE
ERPKYVITVLVEGTQKGNKSATPIFKEICESIK
;
_entity_poly.pdbx_strand_id   A
#
loop_
_chem_comp.id
_chem_comp.type
_chem_comp.name
_chem_comp.formula
GOL non-polymer GLYCEROL 'C3 H8 O3'
ZN non-polymer 'ZINC ION' 'Zn 2'
#
# COMPACT_ATOMS: atom_id res chain seq x y z
N GLU A 14 -33.58 13.98 -19.42
CA GLU A 14 -32.12 13.59 -19.54
C GLU A 14 -31.33 14.09 -18.32
N LYS A 15 -30.64 13.17 -17.63
CA LYS A 15 -29.83 13.39 -16.39
C LYS A 15 -28.40 13.82 -16.78
N VAL A 16 -27.91 14.95 -16.27
CA VAL A 16 -26.47 15.35 -16.37
C VAL A 16 -25.77 15.09 -15.03
N GLU A 17 -24.79 14.17 -15.02
CA GLU A 17 -24.03 13.73 -13.81
C GLU A 17 -22.96 14.78 -13.50
N LEU A 18 -23.06 15.44 -12.34
CA LEU A 18 -22.05 16.45 -11.91
C LEU A 18 -20.95 15.82 -11.05
N ASN A 19 -21.16 14.59 -10.55
CA ASN A 19 -20.15 13.76 -9.85
C ASN A 19 -20.49 12.30 -10.16
N SER A 20 -19.69 11.33 -9.68
CA SER A 20 -19.92 9.87 -9.83
C SER A 20 -21.09 9.41 -8.97
N GLY A 21 -21.63 10.29 -8.13
CA GLY A 21 -22.72 9.90 -7.20
C GLY A 21 -22.20 9.18 -5.96
N ARG A 22 -20.88 8.92 -5.88
CA ARG A 22 -20.33 8.10 -4.76
C ARG A 22 -19.78 9.00 -3.64
N GLY A 23 -20.01 8.58 -2.41
CA GLY A 23 -19.34 9.07 -1.21
C GLY A 23 -17.90 9.40 -1.48
N ILE A 24 -17.48 10.60 -1.10
CA ILE A 24 -16.04 10.98 -1.14
C ILE A 24 -15.26 10.09 -0.17
N ILE A 25 -14.02 9.81 -0.53
CA ILE A 25 -13.00 9.11 0.29
C ILE A 25 -12.04 10.18 0.79
N TYR A 26 -11.92 10.27 2.12
CA TYR A 26 -11.09 11.25 2.85
C TYR A 26 -9.95 10.53 3.55
N ASP A 27 -8.87 11.27 3.77
CA ASP A 27 -7.74 10.91 4.64
C ASP A 27 -8.08 11.28 6.09
N ARG A 28 -7.19 10.91 7.02
CA ARG A 28 -7.35 10.97 8.49
C ARG A 28 -7.51 12.44 8.93
N ASN A 29 -7.20 13.39 8.04
CA ASN A 29 -7.17 14.84 8.36
C ASN A 29 -8.24 15.57 7.56
N ASN A 30 -9.23 14.83 7.04
CA ASN A 30 -10.41 15.40 6.32
C ASN A 30 -10.00 16.10 5.01
N LYS A 31 -8.93 15.66 4.36
CA LYS A 31 -8.54 16.06 2.99
C LYS A 31 -9.04 15.01 2.00
N LYS A 32 -9.56 15.45 0.85
CA LYS A 32 -10.18 14.59 -0.17
C LYS A 32 -9.10 13.74 -0.84
N LEU A 33 -9.37 12.45 -1.08
CA LEU A 33 -8.48 11.54 -1.89
C LEU A 33 -9.16 11.17 -3.21
N THR A 34 -10.48 11.32 -3.26
CA THR A 34 -11.27 11.34 -4.51
C THR A 34 -11.97 12.71 -4.61
N ASP A 35 -12.50 13.06 -5.80
CA ASP A 35 -13.41 14.21 -5.98
C ASP A 35 -12.65 15.53 -5.71
N THR A 36 -11.43 15.68 -6.23
CA THR A 36 -10.50 16.81 -5.94
C THR A 36 -10.46 17.79 -7.12
N SER A 37 -10.32 17.31 -8.36
CA SER A 37 -10.18 18.15 -9.57
C SER A 37 -11.57 18.53 -10.11
N LYS A 38 -11.94 19.80 -9.94
CA LYS A 38 -13.10 20.48 -10.57
C LYS A 38 -12.87 20.57 -12.08
N SER A 39 -13.91 20.28 -12.86
CA SER A 39 -13.91 20.44 -14.33
C SER A 39 -15.31 20.96 -14.77
N GLN A 40 -15.59 20.97 -16.07
CA GLN A 40 -16.84 21.56 -16.60
C GLN A 40 -17.46 20.57 -17.59
N VAL A 41 -18.79 20.52 -17.58
CA VAL A 41 -19.59 19.83 -18.63
C VAL A 41 -20.42 20.92 -19.34
N LEU A 42 -20.04 21.20 -20.57
CA LEU A 42 -20.81 22.02 -21.54
C LEU A 42 -21.90 21.14 -22.13
N ILE A 43 -23.15 21.60 -22.09
CA ILE A 43 -24.35 20.88 -22.61
C ILE A 43 -24.95 21.70 -23.74
N VAL A 44 -25.20 21.04 -24.89
CA VAL A 44 -25.75 21.65 -26.14
C VAL A 44 -26.73 20.66 -26.78
N GLU A 45 -27.79 21.19 -27.38
CA GLU A 45 -28.76 20.39 -28.19
C GLU A 45 -28.04 19.91 -29.45
N LYS A 46 -28.17 18.63 -29.79
CA LYS A 46 -27.41 17.96 -30.88
C LYS A 46 -27.76 18.59 -32.25
N GLU A 47 -29.04 18.79 -32.51
CA GLU A 47 -29.54 19.45 -33.77
C GLU A 47 -28.89 20.83 -33.91
N LYS A 48 -28.81 21.58 -32.83
CA LYS A 48 -28.29 22.97 -32.85
C LYS A 48 -26.81 22.93 -33.27
N LEU A 49 -26.05 22.03 -32.65
CA LEU A 49 -24.60 21.84 -32.89
C LEU A 49 -24.37 21.42 -34.35
N ASN A 50 -25.18 20.49 -34.86
CA ASN A 50 -24.91 19.85 -36.18
C ASN A 50 -25.34 20.76 -37.35
N ASN A 51 -26.21 21.75 -37.11
CA ASN A 51 -26.91 22.51 -38.19
C ASN A 51 -26.59 24.02 -38.14
N ASN A 52 -25.61 24.44 -37.34
CA ASN A 52 -25.39 25.88 -37.05
C ASN A 52 -23.91 26.14 -36.71
N TYR A 53 -23.09 26.51 -37.70
CA TYR A 53 -21.60 26.69 -37.56
C TYR A 53 -21.31 27.71 -36.45
N LYS A 54 -22.22 28.65 -36.19
CA LYS A 54 -22.01 29.69 -35.14
C LYS A 54 -21.82 28.95 -33.81
N ILE A 55 -22.66 27.97 -33.54
CA ILE A 55 -22.71 27.29 -32.23
C ILE A 55 -21.49 26.38 -32.11
N LEU A 56 -21.16 25.65 -33.18
CA LEU A 56 -19.95 24.79 -33.25
C LEU A 56 -18.71 25.64 -32.92
N GLU A 57 -18.55 26.78 -33.59
CA GLU A 57 -17.35 27.64 -33.50
C GLU A 57 -17.30 28.36 -32.14
N LEU A 58 -18.46 28.57 -31.51
CA LEU A 58 -18.58 29.18 -30.16
C LEU A 58 -18.08 28.18 -29.09
N ILE A 59 -18.52 26.92 -29.19
CA ILE A 59 -18.08 25.80 -28.33
C ILE A 59 -16.57 25.59 -28.51
N LYS A 60 -16.08 25.52 -29.75
CA LYS A 60 -14.63 25.40 -30.08
C LYS A 60 -13.80 26.50 -29.39
N LYS A 61 -14.28 27.74 -29.40
CA LYS A 61 -13.57 28.92 -28.81
C LYS A 61 -13.47 28.71 -27.29
N ALA A 62 -14.60 28.48 -26.62
CA ALA A 62 -14.73 28.31 -25.16
C ALA A 62 -13.95 27.09 -24.67
N THR A 63 -14.01 25.94 -25.35
CA THR A 63 -13.37 24.67 -24.89
C THR A 63 -11.91 24.59 -25.37
N LYS A 64 -11.54 25.32 -26.42
CA LYS A 64 -10.25 25.14 -27.13
C LYS A 64 -10.17 23.74 -27.76
N MET A 65 -11.31 23.06 -27.95
CA MET A 65 -11.37 21.76 -28.69
C MET A 65 -11.34 22.05 -30.20
N ASN A 66 -11.21 20.99 -31.01
CA ASN A 66 -11.35 21.06 -32.48
C ASN A 66 -12.49 20.13 -32.94
N ASP A 67 -12.71 20.06 -34.26
CA ASP A 67 -13.86 19.35 -34.86
C ASP A 67 -13.76 17.88 -34.49
N LEU A 68 -12.56 17.30 -34.62
CA LEU A 68 -12.29 15.88 -34.25
C LEU A 68 -12.71 15.62 -32.79
N ASP A 69 -12.34 16.49 -31.86
CA ASP A 69 -12.68 16.28 -30.43
C ASP A 69 -14.21 16.36 -30.29
N ILE A 70 -14.83 17.36 -30.90
CA ILE A 70 -16.30 17.62 -30.77
C ILE A 70 -17.06 16.40 -31.29
N TYR A 71 -16.77 15.96 -32.52
CA TYR A 71 -17.56 14.96 -33.25
C TYR A 71 -17.18 13.56 -32.73
N LYS A 72 -16.06 13.41 -32.03
CA LYS A 72 -15.84 12.17 -31.25
C LYS A 72 -16.91 12.12 -30.16
N ALA A 73 -17.02 13.19 -29.38
CA ALA A 73 -18.06 13.29 -28.33
C ALA A 73 -19.43 13.05 -28.96
N VAL A 74 -19.71 13.70 -30.10
CA VAL A 74 -21.03 13.55 -30.77
C VAL A 74 -21.23 12.07 -31.07
N GLN A 75 -20.22 11.39 -31.62
CA GLN A 75 -20.39 9.99 -32.10
C GLN A 75 -20.66 9.07 -30.89
N GLU A 76 -19.96 9.29 -29.77
CA GLU A 76 -20.17 8.48 -28.53
C GLU A 76 -21.61 8.65 -28.02
N GLN A 77 -22.21 9.83 -28.20
CA GLN A 77 -23.58 10.14 -27.71
C GLN A 77 -24.52 10.28 -28.92
N LEU A 78 -24.26 9.53 -29.99
CA LEU A 78 -24.99 9.61 -31.27
C LEU A 78 -26.51 9.65 -31.04
N THR A 79 -27.01 8.76 -30.17
CA THR A 79 -28.45 8.48 -29.96
C THR A 79 -29.12 9.58 -29.13
N ARG A 80 -28.37 10.29 -28.29
CA ARG A 80 -28.92 11.27 -27.31
C ARG A 80 -29.34 12.56 -28.03
N PRO A 81 -30.47 13.20 -27.64
CA PRO A 81 -30.87 14.48 -28.21
C PRO A 81 -30.03 15.67 -27.68
N ILE A 82 -29.40 15.51 -26.51
CA ILE A 82 -28.46 16.52 -25.93
C ILE A 82 -27.07 15.89 -25.85
N ILE A 83 -26.05 16.67 -26.19
CA ILE A 83 -24.61 16.29 -26.21
C ILE A 83 -23.96 16.94 -25.00
N GLN A 84 -23.14 16.20 -24.24
CA GLN A 84 -22.34 16.70 -23.07
C GLN A 84 -20.85 16.66 -23.42
N ILE A 85 -20.15 17.78 -23.31
CA ILE A 85 -18.70 17.88 -23.62
C ILE A 85 -17.98 18.10 -22.28
N GLN A 86 -16.98 17.27 -21.95
CA GLN A 86 -16.09 17.50 -20.79
C GLN A 86 -15.08 18.57 -21.21
N THR A 87 -14.90 19.59 -20.38
CA THR A 87 -13.98 20.74 -20.59
C THR A 87 -13.72 21.39 -19.23
N LYS A 88 -13.10 22.58 -19.23
CA LYS A 88 -12.65 23.29 -18.02
C LYS A 88 -12.33 24.74 -18.40
N ASN A 89 -12.13 25.61 -17.40
CA ASN A 89 -11.54 26.96 -17.56
C ASN A 89 -12.41 27.80 -18.49
N ILE A 90 -13.73 27.78 -18.27
CA ILE A 90 -14.67 28.69 -18.97
C ILE A 90 -15.04 29.79 -17.96
N ASP A 91 -14.48 31.00 -18.16
CA ASP A 91 -14.66 32.21 -17.30
C ASP A 91 -16.13 32.66 -17.40
N LYS A 92 -16.49 33.82 -16.83
CA LYS A 92 -17.91 34.20 -16.61
C LYS A 92 -18.54 34.80 -17.88
N SER A 93 -17.82 35.66 -18.63
CA SER A 93 -18.36 36.28 -19.87
C SER A 93 -18.71 35.17 -20.86
N MET A 94 -17.76 34.30 -21.19
CA MET A 94 -17.93 33.12 -22.08
C MET A 94 -19.11 32.24 -21.61
N LYS A 95 -19.40 32.19 -20.31
CA LYS A 95 -20.50 31.37 -19.72
C LYS A 95 -21.87 31.98 -20.05
N LYS A 96 -22.05 33.29 -19.86
CA LYS A 96 -23.34 34.00 -20.11
C LYS A 96 -23.56 34.02 -21.62
N GLU A 97 -22.53 34.43 -22.36
CA GLU A 97 -22.42 34.32 -23.84
C GLU A 97 -23.03 32.99 -24.30
N LEU A 98 -22.50 31.84 -23.84
CA LEU A 98 -22.94 30.50 -24.29
C LEU A 98 -24.41 30.28 -23.90
N GLU A 99 -24.85 30.84 -22.76
CA GLU A 99 -26.25 30.63 -22.29
C GLU A 99 -27.21 31.45 -23.17
N LYS A 100 -26.76 32.59 -23.72
CA LYS A 100 -27.53 33.37 -24.72
C LYS A 100 -27.81 32.47 -25.93
N ASN A 101 -26.93 31.50 -26.22
CA ASN A 101 -27.04 30.61 -27.41
C ASN A 101 -27.63 29.24 -27.02
N GLY A 102 -28.36 29.18 -25.91
CA GLY A 102 -28.99 27.94 -25.41
C GLY A 102 -27.99 26.91 -24.91
N ILE A 103 -26.72 27.27 -24.70
CA ILE A 103 -25.63 26.33 -24.26
C ILE A 103 -25.32 26.54 -22.76
N MET A 104 -25.80 25.64 -21.90
CA MET A 104 -25.59 25.75 -20.43
C MET A 104 -24.28 25.03 -20.06
N VAL A 105 -23.50 25.60 -19.13
CA VAL A 105 -22.21 25.06 -18.60
C VAL A 105 -22.36 24.82 -17.09
N GLU A 106 -21.98 23.63 -16.63
CA GLU A 106 -22.11 23.22 -15.20
C GLU A 106 -20.74 22.82 -14.66
N GLU A 107 -20.49 23.16 -13.38
CA GLU A 107 -19.28 22.77 -12.61
C GLU A 107 -19.45 21.30 -12.25
N LYS A 108 -18.42 20.49 -12.53
CA LYS A 108 -18.44 19.01 -12.38
C LYS A 108 -17.27 18.60 -11.46
N THR A 109 -17.33 17.40 -10.86
CA THR A 109 -16.18 16.79 -10.15
C THR A 109 -15.94 15.37 -10.66
N MET A 110 -14.75 15.12 -11.21
CA MET A 110 -14.27 13.77 -11.61
C MET A 110 -13.88 12.99 -10.34
N ARG A 111 -14.12 11.67 -10.33
CA ARG A 111 -13.78 10.78 -9.18
C ARG A 111 -12.28 10.81 -8.90
N TYR A 112 -11.42 10.49 -9.87
CA TYR A 112 -9.95 10.39 -9.65
C TYR A 112 -9.25 11.55 -10.33
N ALA A 113 -8.31 12.21 -9.63
CA ALA A 113 -7.42 13.27 -10.18
C ALA A 113 -6.63 12.72 -11.39
N LYS A 114 -5.65 13.47 -11.89
CA LYS A 114 -4.61 12.94 -12.82
C LYS A 114 -3.45 12.44 -11.95
N ASP A 115 -3.14 13.19 -10.87
CA ASP A 115 -2.19 12.80 -9.79
C ASP A 115 -2.33 11.29 -9.52
N GLY A 116 -3.55 10.84 -9.24
CA GLY A 116 -3.86 9.40 -9.12
C GLY A 116 -3.25 8.80 -7.86
N LEU A 117 -3.28 9.55 -6.76
CA LEU A 117 -2.70 9.08 -5.48
C LEU A 117 -3.55 7.90 -4.99
N LEU A 118 -2.92 6.79 -4.57
CA LEU A 118 -3.58 5.70 -3.79
C LEU A 118 -4.39 4.77 -4.71
N SER A 119 -3.98 4.69 -5.97
CA SER A 119 -4.68 3.99 -7.08
C SER A 119 -5.17 2.62 -6.63
N HIS A 120 -4.25 1.72 -6.26
CA HIS A 120 -4.59 0.28 -6.02
C HIS A 120 -5.47 0.16 -4.79
N THR A 121 -5.21 0.97 -3.76
CA THR A 121 -5.98 0.93 -2.49
C THR A 121 -7.39 1.45 -2.79
N ILE A 122 -7.50 2.55 -3.52
CA ILE A 122 -8.84 3.13 -3.82
C ILE A 122 -9.58 2.22 -4.80
N GLY A 123 -8.89 1.76 -5.84
CA GLY A 123 -9.50 0.93 -6.91
C GLY A 123 -10.11 1.79 -8.01
N TYR A 124 -11.19 1.31 -8.62
CA TYR A 124 -11.85 1.93 -9.79
C TYR A 124 -13.31 1.46 -9.84
N ILE A 125 -14.11 2.18 -10.62
CA ILE A 125 -15.58 1.95 -10.76
C ILE A 125 -15.86 1.72 -12.25
N LYS A 126 -16.95 1.01 -12.57
CA LYS A 126 -17.51 0.93 -13.95
C LYS A 126 -18.31 2.21 -14.21
N GLU A 127 -18.15 2.81 -15.40
CA GLU A 127 -18.68 4.17 -15.75
C GLU A 127 -20.21 4.16 -15.87
N ASP A 128 -20.83 3.14 -16.46
CA ASP A 128 -22.31 3.03 -16.56
C ASP A 128 -22.90 2.88 -15.15
N ASP A 129 -22.44 1.85 -14.44
CA ASP A 129 -22.95 1.29 -13.16
C ASP A 129 -22.58 2.22 -11.97
N LYS A 130 -21.39 2.83 -12.01
CA LYS A 130 -20.73 3.54 -10.87
C LYS A 130 -20.31 2.54 -9.77
N SER A 131 -20.48 1.24 -9.98
CA SER A 131 -20.20 0.16 -9.00
C SER A 131 -18.69 0.04 -8.79
N GLY A 132 -18.29 -0.30 -7.56
CA GLY A 132 -16.90 -0.54 -7.17
C GLY A 132 -16.36 -1.83 -7.75
N GLN A 133 -15.20 -1.77 -8.42
CA GLN A 133 -14.62 -2.92 -9.16
C GLN A 133 -13.42 -3.53 -8.39
N SER A 134 -12.77 -2.77 -7.49
CA SER A 134 -11.59 -3.20 -6.70
C SER A 134 -11.35 -2.23 -5.54
N GLY A 135 -10.38 -2.55 -4.67
CA GLY A 135 -9.98 -1.71 -3.53
C GLY A 135 -11.15 -1.26 -2.68
N ILE A 136 -11.03 -0.07 -2.10
CA ILE A 136 -12.06 0.53 -1.21
C ILE A 136 -13.39 0.60 -1.96
N GLU A 137 -13.36 1.05 -3.22
CA GLU A 137 -14.58 1.27 -4.05
C GLU A 137 -15.44 0.01 -4.02
N LYS A 138 -14.82 -1.17 -4.15
CA LYS A 138 -15.56 -2.46 -4.06
C LYS A 138 -15.80 -2.85 -2.59
N SER A 139 -14.80 -2.85 -1.71
CA SER A 139 -15.02 -3.33 -0.31
C SER A 139 -16.10 -2.50 0.39
N MET A 140 -16.26 -1.23 0.00
CA MET A 140 -17.21 -0.34 0.74
C MET A 140 -18.22 0.23 -0.24
N ASP A 141 -18.43 -0.46 -1.36
CA ASP A 141 -19.46 -0.14 -2.37
C ASP A 141 -20.85 -0.04 -1.69
N SER A 142 -21.18 -0.92 -0.77
CA SER A 142 -22.54 -0.88 -0.15
C SER A 142 -22.81 0.47 0.52
N VAL A 143 -21.79 1.23 1.00
CA VAL A 143 -22.02 2.53 1.73
C VAL A 143 -21.72 3.72 0.83
N LEU A 144 -20.90 3.56 -0.21
CA LEU A 144 -20.43 4.71 -1.04
C LEU A 144 -21.32 4.94 -2.27
N ARG A 145 -21.90 3.89 -2.86
CA ARG A 145 -22.69 3.96 -4.13
C ARG A 145 -23.97 4.76 -3.91
N ASN A 146 -24.16 5.80 -4.74
CA ASN A 146 -25.33 6.74 -4.70
C ASN A 146 -25.48 7.37 -3.31
N SER A 147 -24.39 7.51 -2.55
CA SER A 147 -24.37 8.12 -1.19
C SER A 147 -24.04 9.61 -1.29
N ASN A 148 -23.69 10.12 -2.47
CA ASN A 148 -23.24 11.51 -2.70
C ASN A 148 -23.66 11.96 -4.12
N GLU A 149 -24.97 11.86 -4.42
CA GLU A 149 -25.51 12.11 -5.79
C GLU A 149 -25.64 13.61 -6.05
N LYS A 150 -24.85 14.11 -6.99
CA LYS A 150 -24.96 15.50 -7.51
C LYS A 150 -25.24 15.44 -9.03
N TYR A 151 -26.42 15.92 -9.45
CA TYR A 151 -26.89 15.95 -10.87
C TYR A 151 -27.97 17.01 -11.08
N ILE A 152 -28.11 17.47 -12.34
CA ILE A 152 -29.24 18.31 -12.87
C ILE A 152 -30.01 17.49 -13.91
N SER A 153 -31.27 17.86 -14.11
CA SER A 153 -32.10 17.44 -15.28
C SER A 153 -31.98 18.52 -16.38
N ALA A 154 -31.92 18.10 -17.66
CA ALA A 154 -31.64 18.94 -18.84
C ALA A 154 -32.93 19.21 -19.65
N PHE A 155 -32.72 19.92 -20.75
CA PHE A 155 -33.74 20.52 -21.67
C PHE A 155 -34.20 21.83 -21.03
N LYS A 156 -33.21 22.60 -20.59
CA LYS A 156 -33.29 23.90 -19.89
C LYS A 156 -32.84 25.01 -20.84
N THR A 175 -31.06 17.61 -7.32
CA THR A 175 -30.44 18.93 -6.99
C THR A 175 -28.92 18.78 -7.06
N VAL A 176 -28.21 19.92 -7.19
CA VAL A 176 -26.76 20.00 -7.50
C VAL A 176 -25.93 19.99 -6.22
N ASP A 177 -26.45 20.54 -5.11
CA ASP A 177 -25.68 20.86 -3.88
C ASP A 177 -25.91 19.76 -2.83
N ASN A 178 -25.40 19.99 -1.62
CA ASN A 178 -25.37 19.08 -0.44
C ASN A 178 -26.78 18.59 -0.07
N LYS A 179 -26.87 17.39 0.50
CA LYS A 179 -28.08 16.80 1.14
C LYS A 179 -27.68 16.22 2.51
N ASP A 180 -28.58 16.25 3.50
CA ASP A 180 -28.28 15.92 4.93
C ASP A 180 -27.96 14.42 5.06
N LYS A 181 -28.34 13.61 4.05
CA LYS A 181 -28.24 12.12 4.07
C LYS A 181 -27.03 11.64 3.24
N ASP A 182 -26.30 12.58 2.63
CA ASP A 182 -24.99 12.32 1.98
C ASP A 182 -24.04 11.63 2.97
N ARG A 183 -23.32 10.62 2.48
CA ARG A 183 -22.35 9.87 3.31
C ARG A 183 -21.01 9.80 2.58
N HIS A 184 -19.93 9.94 3.35
CA HIS A 184 -18.53 9.88 2.86
C HIS A 184 -17.72 8.99 3.79
N LEU A 185 -16.58 8.50 3.30
CA LEU A 185 -15.79 7.51 4.06
C LEU A 185 -14.49 8.19 4.46
N LYS A 186 -14.15 8.15 5.74
CA LYS A 186 -12.87 8.71 6.19
C LYS A 186 -11.96 7.54 6.52
N THR A 187 -10.73 7.58 6.00
CA THR A 187 -9.73 6.49 6.06
C THR A 187 -8.64 6.89 7.05
N THR A 188 -7.68 5.99 7.29
CA THR A 188 -6.53 6.25 8.17
C THR A 188 -5.39 6.93 7.41
N ILE A 189 -5.45 6.99 6.09
CA ILE A 189 -4.31 7.44 5.24
C ILE A 189 -3.98 8.90 5.58
N ASP A 190 -2.70 9.24 5.57
CA ASP A 190 -2.24 10.65 5.62
C ASP A 190 -1.83 11.06 4.22
N TYR A 191 -2.58 11.96 3.58
CA TYR A 191 -2.37 12.44 2.19
C TYR A 191 -0.91 12.78 1.98
N ASN A 192 -0.27 13.49 2.90
CA ASN A 192 1.13 13.98 2.76
C ASN A 192 2.12 12.82 2.80
N ILE A 193 1.92 11.86 3.69
CA ILE A 193 2.83 10.69 3.77
C ILE A 193 2.63 9.86 2.52
N GLN A 194 1.39 9.71 2.04
CA GLN A 194 1.08 8.94 0.82
C GLN A 194 1.80 9.62 -0.34
N LYS A 195 1.73 10.95 -0.44
CA LYS A 195 2.35 11.71 -1.55
C LYS A 195 3.86 11.47 -1.56
N LYS A 196 4.53 11.72 -0.45
CA LYS A 196 5.98 11.48 -0.30
C LYS A 196 6.33 10.06 -0.74
N LEU A 197 5.55 9.06 -0.34
CA LEU A 197 5.87 7.64 -0.65
C LEU A 197 5.76 7.43 -2.16
N GLU A 198 4.73 7.97 -2.80
CA GLU A 198 4.51 7.82 -4.26
C GLU A 198 5.62 8.55 -5.00
N GLN A 199 6.07 9.71 -4.52
CA GLN A 199 7.22 10.43 -5.11
C GLN A 199 8.43 9.47 -5.11
N ILE A 200 8.66 8.78 -4.00
CA ILE A 200 9.84 7.89 -3.84
C ILE A 200 9.72 6.67 -4.75
N LEU A 201 8.59 5.96 -4.74
CA LEU A 201 8.43 4.71 -5.52
C LEU A 201 8.34 5.03 -7.01
N ASN A 202 7.93 6.25 -7.36
CA ASN A 202 7.89 6.69 -8.78
C ASN A 202 9.32 6.75 -9.37
N LYS A 203 10.37 6.87 -8.56
CA LYS A 203 11.78 6.94 -9.03
C LYS A 203 12.37 5.54 -9.19
N GLU A 204 11.72 4.50 -8.68
CA GLU A 204 12.17 3.09 -8.77
C GLU A 204 11.51 2.42 -9.97
N GLU A 205 12.30 1.84 -10.88
CA GLU A 205 11.75 1.15 -12.08
C GLU A 205 11.34 -0.28 -11.67
N ASN A 206 11.99 -0.86 -10.66
CA ASN A 206 11.61 -2.22 -10.18
C ASN A 206 10.23 -2.18 -9.52
N PRO A 207 9.43 -3.25 -9.65
CA PRO A 207 8.17 -3.35 -8.94
C PRO A 207 8.48 -3.27 -7.43
N THR A 208 7.64 -2.58 -6.66
CA THR A 208 7.85 -2.32 -5.22
C THR A 208 6.52 -2.46 -4.47
N ALA A 209 6.61 -2.68 -3.17
CA ALA A 209 5.46 -2.63 -2.25
C ALA A 209 5.94 -1.92 -1.00
N ALA A 210 5.16 -0.97 -0.51
CA ALA A 210 5.54 -0.12 0.63
C ALA A 210 4.30 0.19 1.46
N ILE A 211 4.42 0.04 2.75
CA ILE A 211 3.31 0.38 3.68
C ILE A 211 3.98 1.05 4.87
N ILE A 212 3.31 2.09 5.37
CA ILE A 212 3.72 2.86 6.56
C ILE A 212 2.48 2.90 7.45
N SER A 213 2.63 2.47 8.70
CA SER A 213 1.51 2.45 9.68
C SER A 213 1.96 3.07 11.01
N GLU A 214 1.01 3.50 11.83
CA GLU A 214 1.24 4.19 13.10
C GLU A 214 1.56 3.11 14.12
N ALA A 215 2.74 3.14 14.72
CA ALA A 215 3.22 2.11 15.66
C ALA A 215 2.18 1.83 16.73
N SER A 216 1.60 2.87 17.31
CA SER A 216 0.80 2.80 18.56
C SER A 216 -0.69 2.53 18.29
N THR A 217 -1.17 2.61 17.04
CA THR A 217 -2.62 2.46 16.72
C THR A 217 -2.90 1.48 15.58
N GLY A 218 -1.91 1.11 14.78
CA GLY A 218 -2.13 0.21 13.63
C GLY A 218 -2.77 0.92 12.46
N GLU A 219 -3.01 2.22 12.56
CA GLU A 219 -3.73 2.94 11.48
C GLU A 219 -2.78 2.98 10.28
N ILE A 220 -3.27 2.71 9.08
CA ILE A 220 -2.43 2.67 7.85
C ILE A 220 -2.36 4.07 7.27
N LEU A 221 -1.16 4.64 7.31
CA LEU A 221 -0.85 6.04 6.93
C LEU A 221 -0.58 6.08 5.43
N ALA A 222 -0.08 4.99 4.85
CA ALA A 222 0.26 4.94 3.41
C ALA A 222 0.47 3.52 2.94
N MET A 223 0.08 3.27 1.69
CA MET A 223 0.25 1.98 1.00
C MET A 223 0.50 2.28 -0.47
N CYS A 224 1.54 1.70 -1.05
CA CYS A 224 1.85 1.94 -2.47
C CYS A 224 2.40 0.67 -3.11
N SER A 225 1.88 0.33 -4.28
CA SER A 225 2.35 -0.79 -5.11
C SER A 225 2.72 -0.27 -6.49
N ARG A 226 3.85 -0.76 -7.03
CA ARG A 226 4.30 -0.47 -8.43
C ARG A 226 4.60 -1.79 -9.11
N PRO A 227 4.28 -1.94 -10.41
CA PRO A 227 3.87 -0.81 -11.24
C PRO A 227 2.41 -0.35 -11.08
N ASN A 228 2.15 0.86 -11.57
CA ASN A 228 0.88 1.60 -11.38
C ASN A 228 -0.08 1.26 -12.53
N PHE A 229 -1.36 1.55 -12.34
CA PHE A 229 -2.39 1.57 -13.41
C PHE A 229 -3.08 2.92 -13.39
N ASP A 230 -3.85 3.21 -14.45
CA ASP A 230 -4.58 4.48 -14.64
C ASP A 230 -6.04 4.17 -14.35
N GLN A 231 -6.61 4.77 -13.31
CA GLN A 231 -8.02 4.53 -12.88
C GLN A 231 -9.01 5.10 -13.92
N ASN A 232 -8.51 5.96 -14.82
CA ASN A 232 -9.31 6.64 -15.88
C ASN A 232 -9.15 5.97 -17.25
N ASP A 233 -8.39 4.87 -17.33
CA ASP A 233 -8.05 4.15 -18.60
C ASP A 233 -7.84 2.67 -18.29
N ILE A 234 -8.90 1.95 -17.93
CA ILE A 234 -8.83 0.53 -17.50
C ILE A 234 -8.37 -0.34 -18.68
N SER A 235 -8.64 0.11 -19.91
CA SER A 235 -8.26 -0.57 -21.20
C SER A 235 -6.74 -0.67 -21.33
N LYS A 236 -6.04 0.47 -21.40
CA LYS A 236 -4.58 0.57 -21.73
C LYS A 236 -3.75 -0.28 -20.75
N SER A 237 -4.20 -0.37 -19.49
CA SER A 237 -3.49 -1.08 -18.38
C SER A 237 -3.70 -2.59 -18.52
N LEU A 238 -4.93 -3.01 -18.87
CA LEU A 238 -5.35 -4.45 -18.90
C LEU A 238 -4.53 -5.24 -19.91
N LYS A 239 -4.04 -4.58 -20.98
CA LYS A 239 -3.19 -5.20 -22.03
C LYS A 239 -1.78 -5.39 -21.46
N GLY A 240 -1.34 -4.49 -20.58
CA GLY A 240 -0.08 -4.56 -19.80
C GLY A 240 0.11 -5.94 -19.17
N LYS A 241 1.35 -6.27 -18.81
CA LYS A 241 1.77 -7.68 -18.59
C LYS A 241 2.42 -7.87 -17.20
N ASN A 242 2.67 -6.80 -16.43
CA ASN A 242 3.60 -6.83 -15.26
C ASN A 242 2.84 -6.75 -13.93
N GLY A 243 1.55 -7.10 -13.90
CA GLY A 243 0.70 -6.96 -12.70
C GLY A 243 0.48 -5.49 -12.35
N GLU A 244 0.11 -4.66 -13.32
CA GLU A 244 -0.19 -3.22 -13.15
C GLU A 244 -1.39 -3.04 -12.22
N PHE A 245 -2.22 -4.08 -12.03
CA PHE A 245 -3.45 -4.09 -11.20
C PHE A 245 -3.25 -4.86 -9.89
N GLU A 246 -2.04 -5.34 -9.61
CA GLU A 246 -1.74 -6.07 -8.34
C GLU A 246 -1.37 -5.07 -7.24
N ASN A 247 -2.15 -5.11 -6.17
CA ASN A 247 -1.80 -4.52 -4.86
C ASN A 247 -0.78 -5.48 -4.19
N ARG A 248 0.49 -5.30 -4.47
CA ARG A 248 1.59 -6.17 -3.95
C ARG A 248 1.66 -6.06 -2.43
N VAL A 249 1.20 -4.98 -1.84
CA VAL A 249 1.19 -4.82 -0.36
C VAL A 249 0.30 -5.95 0.24
N ILE A 250 -0.90 -6.18 -0.29
CA ILE A 250 -1.91 -7.04 0.39
C ILE A 250 -2.09 -8.42 -0.28
N LYS A 251 -1.56 -8.64 -1.49
CA LYS A 251 -1.90 -9.82 -2.33
C LYS A 251 -0.65 -10.68 -2.58
N ALA A 252 0.49 -10.05 -2.88
CA ALA A 252 1.75 -10.73 -3.26
C ALA A 252 2.44 -11.25 -2.00
N THR A 253 2.64 -12.55 -1.92
CA THR A 253 3.45 -13.19 -0.85
C THR A 253 4.87 -13.41 -1.38
N TYR A 254 5.87 -13.23 -0.52
CA TYR A 254 7.31 -13.46 -0.80
C TYR A 254 7.93 -14.17 0.41
N PRO A 255 8.97 -15.02 0.18
CA PRO A 255 9.79 -15.55 1.26
C PRO A 255 10.41 -14.42 2.06
N PRO A 256 10.43 -14.51 3.40
CA PRO A 256 10.97 -13.45 4.24
C PRO A 256 12.49 -13.30 4.28
N GLY A 257 13.24 -14.32 3.86
CA GLY A 257 14.70 -14.36 4.11
C GLY A 257 15.02 -14.00 5.55
N SER A 258 16.06 -13.20 5.78
CA SER A 258 16.54 -12.87 7.14
C SER A 258 15.48 -12.08 7.95
N VAL A 259 14.45 -11.50 7.34
CA VAL A 259 13.33 -10.87 8.08
C VAL A 259 12.79 -11.88 9.09
N PHE A 260 12.78 -13.18 8.73
CA PHE A 260 12.26 -14.27 9.60
C PHE A 260 13.09 -14.41 10.88
N LYS A 261 14.32 -13.91 10.89
CA LYS A 261 15.17 -13.94 12.10
C LYS A 261 14.51 -13.13 13.22
N MET A 262 13.58 -12.22 12.91
CA MET A 262 12.78 -11.55 13.98
C MET A 262 11.98 -12.64 14.72
N VAL A 263 11.42 -13.61 14.00
CA VAL A 263 10.52 -14.65 14.58
C VAL A 263 11.37 -15.67 15.33
N VAL A 264 12.45 -16.16 14.71
CA VAL A 264 13.33 -17.18 15.36
C VAL A 264 13.89 -16.55 16.63
N LEU A 265 14.21 -15.26 16.57
CA LEU A 265 14.82 -14.57 17.71
C LEU A 265 13.75 -14.46 18.81
N PHE A 266 12.53 -14.09 18.42
CA PHE A 266 11.36 -13.98 19.32
C PHE A 266 11.10 -15.35 19.97
N SER A 267 10.96 -16.40 19.16
CA SER A 267 10.67 -17.79 19.58
C SER A 267 11.70 -18.29 20.61
N ALA A 268 12.98 -18.12 20.29
CA ALA A 268 14.11 -18.54 21.15
C ALA A 268 14.00 -17.86 22.52
N LEU A 269 13.80 -16.55 22.56
CA LEU A 269 13.79 -15.79 23.84
C LEU A 269 12.49 -16.10 24.61
N GLU A 270 11.39 -16.37 23.92
CA GLU A 270 10.08 -16.61 24.58
C GLU A 270 10.15 -18.03 25.16
N ASN A 271 10.62 -19.02 24.41
CA ASN A 271 10.72 -20.42 24.90
C ASN A 271 11.88 -20.60 25.90
N GLY A 272 12.75 -19.61 26.11
CA GLY A 272 13.82 -19.67 27.13
C GLY A 272 15.02 -20.54 26.71
N VAL A 273 15.09 -20.82 25.41
CA VAL A 273 16.16 -21.66 24.79
C VAL A 273 17.47 -20.88 24.74
N ILE A 274 17.41 -19.56 24.60
CA ILE A 274 18.58 -18.64 24.70
C ILE A 274 18.21 -17.48 25.61
N ASP A 275 19.15 -16.59 25.91
CA ASP A 275 18.97 -15.36 26.71
C ASP A 275 19.92 -14.30 26.13
N GLU A 276 20.01 -13.12 26.74
CA GLU A 276 20.85 -12.00 26.26
C GLU A 276 22.34 -12.41 26.21
N ASN A 277 22.74 -13.53 26.82
CA ASN A 277 24.17 -13.93 27.02
C ASN A 277 24.62 -14.93 25.96
N TYR A 278 23.73 -15.36 25.07
CA TYR A 278 24.06 -16.24 23.93
C TYR A 278 25.30 -15.68 23.22
N THR A 279 26.26 -16.57 22.97
CA THR A 279 27.44 -16.37 22.10
C THR A 279 27.43 -17.49 21.07
N TYR A 280 27.81 -17.18 19.82
CA TYR A 280 28.05 -18.18 18.75
C TYR A 280 29.30 -17.81 17.95
N ASN A 281 30.14 -18.83 17.66
CA ASN A 281 31.39 -18.69 16.89
C ASN A 281 31.11 -19.10 15.44
N CYS A 282 30.96 -18.09 14.59
CA CYS A 282 30.76 -18.32 13.15
C CYS A 282 32.14 -18.45 12.50
N THR A 283 32.46 -19.66 12.03
CA THR A 283 33.69 -19.98 11.26
C THR A 283 33.43 -19.88 9.77
N GLY A 284 32.19 -19.57 9.38
CA GLY A 284 31.79 -19.35 7.97
C GLY A 284 30.97 -20.49 7.41
N LYS A 285 30.90 -21.61 8.13
CA LYS A 285 30.09 -22.78 7.72
C LYS A 285 29.71 -23.60 8.95
N THR A 286 28.75 -24.50 8.80
CA THR A 286 28.34 -25.41 9.88
C THR A 286 27.71 -26.67 9.26
N LYS A 287 27.77 -27.79 9.98
CA LYS A 287 26.98 -29.01 9.63
C LYS A 287 25.52 -28.77 10.05
N VAL A 288 24.59 -29.17 9.20
CA VAL A 288 23.13 -29.09 9.48
C VAL A 288 22.77 -30.29 10.36
N GLY A 289 22.58 -30.06 11.66
CA GLY A 289 22.33 -31.11 12.67
C GLY A 289 23.37 -32.21 12.64
N ASN A 290 22.97 -33.42 12.21
CA ASN A 290 23.72 -34.70 12.32
C ASN A 290 24.30 -35.11 10.96
N THR A 291 23.73 -34.61 9.86
CA THR A 291 24.17 -34.90 8.47
C THR A 291 25.49 -34.18 8.16
N ASN A 292 26.05 -34.45 6.98
CA ASN A 292 27.26 -33.79 6.42
C ASN A 292 26.82 -32.79 5.33
N GLU A 293 25.50 -32.50 5.29
CA GLU A 293 24.93 -31.30 4.61
C GLU A 293 25.54 -30.05 5.27
N ILE A 294 26.04 -29.09 4.48
CA ILE A 294 26.84 -27.92 4.98
C ILE A 294 26.07 -26.63 4.64
N LEU A 295 25.84 -25.75 5.64
CA LEU A 295 25.28 -24.38 5.47
C LEU A 295 26.40 -23.35 5.63
N ARG A 296 26.72 -22.64 4.56
CA ARG A 296 27.75 -21.59 4.67
C ARG A 296 27.10 -20.29 5.14
N CYS A 297 27.89 -19.48 5.81
CA CYS A 297 27.54 -18.07 6.18
C CYS A 297 27.76 -17.20 4.95
N ASN A 298 27.16 -16.01 4.91
CA ASN A 298 27.35 -15.04 3.80
C ASN A 298 28.75 -14.45 3.87
N LYS A 299 29.37 -14.41 5.07
CA LYS A 299 30.76 -13.90 5.23
C LYS A 299 31.74 -14.93 4.66
N ARG A 300 31.51 -16.23 4.88
CA ARG A 300 32.25 -17.37 4.25
C ARG A 300 33.52 -17.67 5.06
N ASP A 301 34.33 -16.65 5.37
CA ASP A 301 35.50 -16.72 6.30
C ASP A 301 35.05 -16.48 7.75
N GLY A 302 33.78 -16.12 7.99
CA GLY A 302 33.14 -16.15 9.31
C GLY A 302 33.02 -14.78 9.97
N HIS A 303 31.99 -14.60 10.82
CA HIS A 303 31.76 -13.40 11.67
C HIS A 303 32.64 -13.52 12.92
N GLY A 304 33.11 -14.72 13.26
CA GLY A 304 33.84 -14.98 14.52
C GLY A 304 32.88 -15.00 15.68
N PHE A 305 33.39 -14.79 16.90
CA PHE A 305 32.59 -14.79 18.15
C PHE A 305 31.58 -13.64 18.11
N GLN A 306 30.30 -13.98 18.29
CA GLN A 306 29.19 -13.01 18.19
C GLN A 306 28.37 -13.15 19.47
N ASN A 307 27.95 -12.03 20.04
CA ASN A 307 26.83 -12.03 21.02
C ASN A 307 25.50 -11.99 20.23
N LEU A 308 24.36 -12.18 20.90
CA LEU A 308 23.01 -12.20 20.27
C LEU A 308 22.82 -10.96 19.36
N ARG A 309 23.14 -9.78 19.87
CA ARG A 309 23.02 -8.53 19.08
C ARG A 309 23.79 -8.67 17.76
N GLN A 310 25.02 -9.18 17.79
CA GLN A 310 25.88 -9.22 16.58
C GLN A 310 25.37 -10.32 15.64
N ALA A 311 25.05 -11.49 16.18
CA ALA A 311 24.48 -12.63 15.40
C ALA A 311 23.25 -12.14 14.63
N PHE A 312 22.34 -11.45 15.31
CA PHE A 312 21.13 -10.85 14.70
C PHE A 312 21.51 -9.74 13.70
N SER A 313 22.29 -8.73 14.11
CA SER A 313 22.74 -7.61 13.22
C SER A 313 23.48 -8.14 11.98
N ASN A 314 24.36 -9.11 12.14
CA ASN A 314 25.16 -9.68 11.02
C ASN A 314 24.31 -10.61 10.16
N SER A 315 23.13 -11.02 10.65
CA SER A 315 22.20 -11.87 9.88
C SER A 315 22.90 -13.23 9.62
N CYS A 316 23.56 -13.77 10.64
CA CYS A 316 24.50 -14.92 10.51
C CYS A 316 23.67 -16.23 10.50
N ASN A 317 23.55 -16.83 9.31
CA ASN A 317 22.73 -18.05 9.06
C ASN A 317 23.17 -19.16 10.00
N PRO A 318 24.47 -19.52 10.10
CA PRO A 318 24.92 -20.55 11.05
C PRO A 318 24.48 -20.29 12.50
N ALA A 319 24.56 -19.05 13.00
CA ALA A 319 24.11 -18.75 14.38
C ALA A 319 22.60 -19.03 14.49
N PHE A 320 21.81 -18.71 13.46
CA PHE A 320 20.31 -18.82 13.53
C PHE A 320 19.88 -20.29 13.30
N LEU A 321 20.59 -21.06 12.47
CA LEU A 321 20.39 -22.54 12.45
C LEU A 321 20.65 -23.09 13.86
N ASP A 322 21.75 -22.68 14.50
CA ASP A 322 22.09 -23.13 15.88
C ASP A 322 20.89 -22.81 16.79
N ILE A 323 20.34 -21.60 16.69
CA ILE A 323 19.22 -21.16 17.57
C ILE A 323 17.97 -21.98 17.23
N ALA A 324 17.70 -22.19 15.93
CA ALA A 324 16.48 -22.85 15.40
C ALA A 324 16.45 -24.31 15.85
N MET A 325 17.61 -24.97 15.74
CA MET A 325 17.79 -26.39 16.10
C MET A 325 17.39 -26.56 17.58
N LYS A 326 17.63 -25.56 18.42
CA LYS A 326 17.26 -25.63 19.86
C LYS A 326 15.74 -25.53 20.06
N LEU A 327 14.99 -25.08 19.05
CA LEU A 327 13.53 -24.80 19.19
C LEU A 327 12.74 -25.90 18.50
N GLY A 328 13.10 -26.24 17.28
CA GLY A 328 12.32 -27.17 16.43
C GLY A 328 11.33 -26.41 15.56
N LYS A 329 10.90 -27.04 14.48
CA LYS A 329 9.87 -26.58 13.52
C LYS A 329 8.64 -26.02 14.29
N GLU A 330 8.06 -26.76 15.23
CA GLU A 330 6.70 -26.46 15.75
C GLU A 330 6.71 -25.22 16.67
N LYS A 331 7.77 -25.05 17.47
CA LYS A 331 7.85 -23.88 18.37
C LYS A 331 7.99 -22.61 17.51
N ILE A 332 8.69 -22.71 16.37
CA ILE A 332 8.99 -21.52 15.51
C ILE A 332 7.69 -21.16 14.80
N LEU A 333 6.98 -22.14 14.27
CA LEU A 333 5.69 -21.89 13.58
C LEU A 333 4.69 -21.32 14.59
N LYS A 334 4.68 -21.79 15.84
CA LYS A 334 3.67 -21.30 16.83
C LYS A 334 3.99 -19.85 17.13
N SER A 335 5.28 -19.51 17.20
CA SER A 335 5.79 -18.12 17.40
C SER A 335 5.37 -17.24 16.21
N ALA A 336 5.44 -17.76 14.98
CA ALA A 336 5.00 -17.04 13.76
C ALA A 336 3.50 -16.76 13.85
N GLU A 337 2.74 -17.80 14.19
CA GLU A 337 1.28 -17.73 14.40
C GLU A 337 0.97 -16.67 15.45
N LYS A 338 1.67 -16.69 16.58
CA LYS A 338 1.49 -15.74 17.70
C LYS A 338 1.73 -14.27 17.27
N LEU A 339 2.62 -14.06 16.29
CA LEU A 339 2.96 -12.72 15.72
C LEU A 339 2.12 -12.43 14.47
N HIS A 340 1.07 -13.21 14.22
CA HIS A 340 -0.02 -12.87 13.28
C HIS A 340 0.46 -13.04 11.83
N LEU A 341 1.40 -13.95 11.60
CA LEU A 341 1.94 -14.17 10.24
C LEU A 341 1.17 -15.28 9.53
N PHE A 342 0.33 -16.05 10.22
CA PHE A 342 -0.46 -17.13 9.58
C PHE A 342 -1.96 -16.83 9.68
N GLU A 343 -2.33 -15.58 9.42
CA GLU A 343 -3.76 -15.18 9.29
C GLU A 343 -3.85 -13.84 8.54
N LYS A 344 -5.02 -13.55 7.95
CA LYS A 344 -5.28 -12.30 7.21
C LYS A 344 -5.19 -11.14 8.21
N VAL A 345 -4.64 -10.02 7.79
CA VAL A 345 -4.55 -8.83 8.67
C VAL A 345 -5.97 -8.22 8.79
N ASP A 346 -6.79 -8.35 7.74
CA ASP A 346 -8.23 -7.91 7.66
C ASP A 346 -8.30 -6.39 7.91
N ILE A 347 -7.78 -5.59 6.98
CA ILE A 347 -7.64 -4.11 7.15
C ILE A 347 -8.87 -3.37 6.59
N GLY A 348 -9.78 -4.08 5.92
CA GLY A 348 -11.00 -3.52 5.29
C GLY A 348 -11.00 -3.74 3.79
N LEU A 349 -9.97 -4.39 3.23
CA LEU A 349 -9.87 -4.72 1.77
C LEU A 349 -9.97 -6.25 1.58
N ASP A 350 -10.95 -6.70 0.80
CA ASP A 350 -11.41 -8.12 0.78
C ASP A 350 -10.45 -8.95 -0.07
N GLU A 351 -9.69 -8.32 -0.96
CA GLU A 351 -8.81 -9.02 -1.93
C GLU A 351 -7.45 -9.39 -1.32
N GLU A 352 -7.22 -9.12 -0.04
CA GLU A 352 -6.05 -9.66 0.69
C GLU A 352 -5.95 -11.17 0.44
N LYS A 353 -4.75 -11.61 0.05
CA LYS A 353 -4.39 -13.03 -0.09
C LYS A 353 -3.29 -13.35 0.91
N ILE A 354 -3.18 -14.61 1.31
CA ILE A 354 -2.08 -15.12 2.17
C ILE A 354 -1.70 -16.52 1.73
N ARG A 355 -0.60 -17.03 2.25
CA ARG A 355 -0.15 -18.40 1.98
C ARG A 355 -0.14 -19.17 3.30
N GLU A 356 -0.76 -20.36 3.34
CA GLU A 356 -0.84 -21.19 4.57
C GLU A 356 0.58 -21.49 5.07
N ALA A 357 0.71 -21.70 6.37
CA ALA A 357 1.87 -22.32 7.04
C ALA A 357 2.25 -23.60 6.30
N PRO A 358 3.55 -23.88 6.02
CA PRO A 358 3.93 -25.07 5.24
C PRO A 358 3.56 -26.37 5.97
N LYS A 359 3.23 -27.44 5.23
CA LYS A 359 2.87 -28.77 5.80
C LYS A 359 4.10 -29.31 6.53
N ASN A 360 5.19 -29.54 5.80
CA ASN A 360 6.53 -29.83 6.38
C ASN A 360 7.57 -28.98 5.64
N ILE A 361 8.53 -28.46 6.40
CA ILE A 361 9.65 -27.61 5.94
C ILE A 361 10.88 -27.95 6.80
N SER A 362 12.07 -27.96 6.21
CA SER A 362 13.34 -28.21 6.93
C SER A 362 13.60 -27.06 7.90
N ILE A 363 14.06 -27.38 9.11
CA ILE A 363 14.55 -26.41 10.12
C ILE A 363 15.59 -25.49 9.47
N ARG A 364 16.27 -25.96 8.43
CA ARG A 364 17.27 -25.15 7.67
C ARG A 364 16.57 -23.99 6.94
N ASN A 365 15.49 -24.29 6.20
CA ASN A 365 14.72 -23.29 5.41
C ASN A 365 13.96 -22.34 6.36
N LEU A 366 13.56 -22.80 7.54
CA LEU A 366 12.97 -21.89 8.57
C LEU A 366 14.02 -20.85 8.96
N ALA A 367 15.20 -21.32 9.37
CA ALA A 367 16.32 -20.49 9.88
C ALA A 367 16.67 -19.36 8.91
N ILE A 368 16.62 -19.64 7.61
CA ILE A 368 17.09 -18.68 6.56
C ILE A 368 15.89 -17.99 5.87
N GLY A 369 14.66 -18.47 6.13
CA GLY A 369 13.39 -17.87 5.68
C GLY A 369 13.11 -18.03 4.18
N GLN A 370 13.43 -19.20 3.63
CA GLN A 370 13.28 -19.50 2.17
C GLN A 370 12.38 -20.71 2.01
N GLU A 371 11.95 -20.95 0.77
CA GLU A 371 11.17 -22.13 0.30
C GLU A 371 9.70 -21.93 0.68
N ASN A 372 9.05 -22.88 1.36
CA ASN A 372 7.57 -22.91 1.37
C ASN A 372 7.03 -22.14 2.58
N ILE A 373 7.59 -20.97 2.86
CA ILE A 373 7.08 -20.00 3.87
C ILE A 373 7.09 -18.62 3.21
N GLU A 374 5.94 -17.97 3.05
CA GLU A 374 5.84 -16.65 2.37
C GLU A 374 4.81 -15.77 3.07
N PHE A 375 5.03 -14.46 2.99
CA PHE A 375 4.17 -13.45 3.66
C PHE A 375 4.01 -12.25 2.75
N THR A 376 2.87 -11.57 2.84
CA THR A 376 2.67 -10.25 2.18
C THR A 376 3.43 -9.18 2.96
N PRO A 377 3.76 -8.02 2.34
CA PRO A 377 4.31 -6.91 3.10
C PRO A 377 3.34 -6.47 4.20
N LEU A 378 2.04 -6.54 3.96
CA LEU A 378 1.02 -6.18 4.96
C LEU A 378 1.23 -7.01 6.23
N GLN A 379 1.43 -8.32 6.09
CA GLN A 379 1.62 -9.21 7.26
C GLN A 379 2.91 -8.85 7.99
N ILE A 380 4.01 -8.68 7.25
CA ILE A 380 5.33 -8.32 7.85
C ILE A 380 5.17 -7.01 8.64
N ASN A 381 4.42 -6.05 8.09
CA ASN A 381 4.20 -4.74 8.74
C ASN A 381 3.48 -4.96 10.08
N GLN A 382 2.42 -5.78 10.08
CA GLN A 382 1.62 -6.11 11.27
C GLN A 382 2.54 -6.74 12.31
N MET A 383 3.38 -7.65 11.86
CA MET A 383 4.28 -8.36 12.79
C MET A 383 5.26 -7.32 13.37
N THR A 384 5.79 -6.45 12.53
CA THR A 384 6.72 -5.35 12.93
C THR A 384 6.02 -4.38 13.87
N GLN A 385 4.74 -4.09 13.66
CA GLN A 385 3.95 -3.25 14.59
C GLN A 385 4.02 -3.81 16.02
N ILE A 386 3.77 -5.09 16.18
CA ILE A 386 3.79 -5.75 17.53
C ILE A 386 5.16 -5.55 18.21
N ILE A 387 6.22 -5.86 17.51
CA ILE A 387 7.61 -5.75 18.06
C ILE A 387 7.85 -4.28 18.40
N ALA A 388 7.61 -3.39 17.44
CA ALA A 388 7.80 -1.93 17.59
C ALA A 388 6.99 -1.37 18.76
N ASN A 389 5.87 -2.00 19.11
CA ASN A 389 4.94 -1.44 20.12
C ASN A 389 5.02 -2.29 21.38
N ASN A 390 6.17 -2.93 21.60
CA ASN A 390 6.49 -3.56 22.91
C ASN A 390 5.40 -4.60 23.26
N GLY A 391 4.93 -5.34 22.27
CA GLY A 391 3.96 -6.43 22.42
C GLY A 391 2.51 -5.96 22.42
N THR A 392 2.21 -4.66 22.35
CA THR A 392 0.80 -4.23 22.28
C THR A 392 0.35 -4.27 20.82
N PHE A 393 -0.24 -5.39 20.45
CA PHE A 393 -0.73 -5.68 19.07
C PHE A 393 -1.88 -4.71 18.81
N LYS A 394 -1.70 -3.85 17.80
CA LYS A 394 -2.81 -3.03 17.24
C LYS A 394 -3.08 -3.58 15.88
N PRO A 395 -4.26 -4.16 15.64
CA PRO A 395 -4.54 -4.75 14.33
C PRO A 395 -4.53 -3.60 13.32
N LEU A 396 -3.75 -3.74 12.25
CA LEU A 396 -3.71 -2.80 11.09
C LEU A 396 -5.13 -2.59 10.54
N TYR A 397 -5.53 -1.36 10.24
CA TYR A 397 -6.87 -1.06 9.69
C TYR A 397 -6.79 0.24 8.89
N LEU A 398 -7.70 0.39 7.92
CA LEU A 398 -7.69 1.45 6.87
C LEU A 398 -8.86 2.45 7.05
N TYR A 399 -9.94 2.12 7.76
CA TYR A 399 -11.15 2.97 7.86
C TYR A 399 -11.26 3.57 9.26
N LYS A 400 -11.71 4.81 9.36
CA LYS A 400 -11.99 5.42 10.68
C LYS A 400 -13.50 5.59 10.88
N SER A 401 -14.24 6.05 9.85
CA SER A 401 -15.63 6.48 10.06
C SER A 401 -16.32 6.75 8.74
N LEU A 402 -17.65 6.67 8.79
CA LEU A 402 -18.60 7.20 7.80
C LEU A 402 -19.04 8.56 8.34
N VAL A 403 -18.96 9.59 7.50
CA VAL A 403 -19.21 10.99 7.91
C VAL A 403 -20.29 11.58 7.02
N ASP A 404 -20.88 12.70 7.44
CA ASP A 404 -21.87 13.46 6.65
C ASP A 404 -21.18 14.64 5.98
N ASN A 405 -21.93 15.55 5.38
CA ASN A 405 -21.39 16.71 4.63
C ASN A 405 -20.73 17.70 5.58
N ASN A 406 -21.04 17.67 6.88
CA ASN A 406 -20.31 18.56 7.84
C ASN A 406 -19.08 17.87 8.41
N MET A 407 -18.75 16.66 7.94
CA MET A 407 -17.60 15.86 8.42
C MET A 407 -17.86 15.39 9.87
N ASN A 408 -19.11 15.41 10.31
CA ASN A 408 -19.53 14.80 11.59
C ASN A 408 -19.58 13.29 11.42
N THR A 409 -19.14 12.57 12.43
CA THR A 409 -19.18 11.09 12.51
C THR A 409 -20.60 10.55 12.56
N ILE A 410 -20.97 9.76 11.58
CA ILE A 410 -22.24 8.99 11.59
C ILE A 410 -21.95 7.63 12.20
N LYS A 411 -20.85 7.00 11.83
CA LYS A 411 -20.43 5.77 12.56
C LYS A 411 -18.91 5.58 12.47
N THR A 412 -18.39 4.98 13.51
CA THR A 412 -17.00 4.51 13.68
C THR A 412 -16.86 3.15 13.00
N TYR A 413 -15.75 2.93 12.31
CA TYR A 413 -15.31 1.60 11.82
C TYR A 413 -14.09 1.20 12.64
N LYS A 414 -13.88 -0.09 12.88
CA LYS A 414 -12.65 -0.59 13.53
C LYS A 414 -12.43 -2.06 13.13
N SER A 415 -11.23 -2.57 13.36
CA SER A 415 -10.87 -3.96 13.06
C SER A 415 -11.85 -4.90 13.79
N SER A 416 -12.17 -6.04 13.18
CA SER A 416 -12.78 -7.23 13.80
C SER A 416 -11.85 -7.85 14.85
N LYS A 417 -10.53 -7.70 14.70
CA LYS A 417 -9.53 -8.44 15.51
C LYS A 417 -9.51 -7.95 16.96
N LYS A 418 -9.28 -8.85 17.91
CA LYS A 418 -9.21 -8.47 19.34
C LYS A 418 -7.79 -7.96 19.61
N GLU A 419 -7.66 -6.97 20.48
CA GLU A 419 -6.35 -6.47 20.98
C GLU A 419 -5.72 -7.54 21.87
N GLU A 420 -4.42 -7.74 21.76
CA GLU A 420 -3.61 -8.74 22.51
C GLU A 420 -2.41 -8.03 23.11
N LEU A 421 -1.96 -8.48 24.27
CA LEU A 421 -0.61 -8.15 24.80
C LEU A 421 0.22 -9.42 24.65
N ILE A 422 1.27 -9.37 23.84
CA ILE A 422 2.07 -10.55 23.38
C ILE A 422 3.50 -10.41 23.90
N SER A 423 3.92 -11.32 24.79
CA SER A 423 5.31 -11.41 25.30
C SER A 423 5.98 -10.04 25.25
N PRO A 424 5.51 -9.02 26.01
CA PRO A 424 6.04 -7.67 25.93
C PRO A 424 7.57 -7.58 26.12
N TYR A 425 8.13 -8.40 27.00
CA TYR A 425 9.57 -8.33 27.37
C TYR A 425 10.36 -8.81 26.15
N VAL A 426 9.96 -9.96 25.60
CA VAL A 426 10.61 -10.54 24.40
C VAL A 426 10.54 -9.51 23.28
N CYS A 427 9.37 -8.88 23.10
CA CYS A 427 9.13 -7.92 21.99
C CYS A 427 10.16 -6.80 22.16
N THR A 428 10.33 -6.33 23.40
CA THR A 428 11.22 -5.19 23.73
C THR A 428 12.67 -5.59 23.43
N GLN A 429 13.04 -6.84 23.66
CA GLN A 429 14.40 -7.37 23.32
C GLN A 429 14.56 -7.36 21.81
N VAL A 430 13.63 -7.91 21.05
CA VAL A 430 13.82 -7.96 19.57
C VAL A 430 13.98 -6.53 19.07
N LYS A 431 13.17 -5.63 19.59
CA LYS A 431 13.14 -4.20 19.20
C LYS A 431 14.50 -3.54 19.49
N GLU A 432 15.08 -3.79 20.67
CA GLU A 432 16.44 -3.29 21.03
C GLU A 432 17.47 -3.82 20.02
N TYR A 433 17.49 -5.12 19.77
CA TYR A 433 18.47 -5.73 18.82
C TYR A 433 18.30 -5.11 17.43
N MET A 434 17.07 -4.76 17.03
CA MET A 434 16.78 -4.16 15.68
C MET A 434 17.40 -2.75 15.57
N LYS A 435 17.55 -2.02 16.68
CA LYS A 435 18.27 -0.72 16.67
C LYS A 435 19.74 -0.92 16.34
N SER A 436 20.32 -2.10 16.61
CA SER A 436 21.75 -2.40 16.30
C SER A 436 21.92 -2.64 14.80
N VAL A 437 20.97 -3.31 14.15
CA VAL A 437 21.04 -3.62 12.69
C VAL A 437 21.26 -2.31 11.92
N SER A 438 20.66 -1.21 12.36
CA SER A 438 20.70 0.10 11.65
C SER A 438 22.08 0.75 11.79
N ARG A 439 22.83 0.42 12.84
CA ARG A 439 24.00 1.21 13.35
C ARG A 439 25.32 0.53 12.98
N ILE A 440 25.45 -0.77 13.19
CA ILE A 440 26.70 -1.53 12.89
C ILE A 440 26.33 -2.89 12.32
N GLY A 441 25.30 -2.95 11.50
CA GLY A 441 24.83 -4.22 10.93
C GLY A 441 24.81 -4.23 9.42
N THR A 442 23.85 -4.98 8.87
CA THR A 442 23.61 -5.22 7.41
C THR A 442 22.98 -3.97 6.77
N ALA A 443 22.47 -3.09 7.62
CA ALA A 443 21.81 -1.86 7.17
C ALA A 443 22.50 -0.66 7.82
N LYS A 444 23.83 -0.66 7.88
CA LYS A 444 24.58 0.45 8.53
C LYS A 444 24.37 1.79 7.81
N ASP A 445 24.14 1.78 6.50
CA ASP A 445 23.86 3.04 5.75
C ASP A 445 22.81 3.88 6.47
N LEU A 446 22.09 3.30 7.43
CA LEU A 446 21.01 4.00 8.20
C LEU A 446 21.55 4.49 9.55
N LYS A 447 22.83 4.26 9.84
CA LYS A 447 23.48 4.68 11.11
C LYS A 447 23.18 6.15 11.40
N ASP A 448 23.11 6.98 10.36
CA ASP A 448 23.22 8.46 10.48
C ASP A 448 21.89 9.19 10.27
N ILE A 449 20.79 8.49 9.94
CA ILE A 449 19.48 9.19 9.73
C ILE A 449 19.08 9.88 11.04
N GLU A 450 18.58 11.10 10.93
CA GLU A 450 18.11 11.93 12.07
C GLU A 450 17.12 11.09 12.89
N GLY A 451 17.45 10.83 14.16
CA GLY A 451 16.54 10.20 15.13
C GLY A 451 16.69 8.69 15.19
N GLY A 452 17.52 8.11 14.30
CA GLY A 452 17.78 6.66 14.27
C GLY A 452 16.54 5.87 13.87
N CYS A 453 16.70 4.55 13.77
CA CYS A 453 15.62 3.61 13.41
C CYS A 453 16.01 2.24 13.93
N GLY A 454 15.08 1.29 13.87
CA GLY A 454 15.32 -0.13 14.12
C GLY A 454 14.84 -0.89 12.92
N VAL A 455 15.60 -1.84 12.41
CA VAL A 455 15.15 -2.57 11.17
C VAL A 455 15.63 -4.00 11.21
N LYS A 456 15.15 -4.74 10.23
CA LYS A 456 15.70 -6.02 9.80
C LYS A 456 15.56 -6.08 8.29
N THR A 457 16.67 -6.29 7.58
CA THR A 457 16.69 -6.49 6.11
C THR A 457 16.52 -8.00 5.86
N GLY A 458 16.28 -8.37 4.62
CA GLY A 458 16.26 -9.77 4.19
C GLY A 458 16.19 -9.81 2.69
N THR A 459 16.58 -10.95 2.09
CA THR A 459 16.47 -11.22 0.63
C THR A 459 15.63 -12.49 0.38
N ALA A 460 14.54 -12.35 -0.37
CA ALA A 460 13.71 -13.45 -0.89
C ALA A 460 14.38 -14.03 -2.14
N GLN A 461 14.51 -15.37 -2.22
CA GLN A 461 15.00 -16.09 -3.43
C GLN A 461 13.80 -16.74 -4.14
N SER A 462 13.47 -16.23 -5.34
CA SER A 462 12.35 -16.68 -6.22
C SER A 462 12.93 -17.24 -7.52
N SER A 463 12.09 -17.35 -8.56
CA SER A 463 12.49 -17.58 -9.98
C SER A 463 11.58 -16.77 -10.91
N LEU A 464 12.14 -15.96 -11.81
CA LEU A 464 11.44 -15.36 -12.98
C LEU A 464 12.04 -15.99 -14.25
N ASN A 465 11.22 -16.70 -15.03
CA ASN A 465 11.62 -17.76 -16.01
C ASN A 465 12.06 -18.99 -15.19
N LYS A 466 13.31 -19.45 -15.35
CA LYS A 466 13.97 -20.40 -14.40
C LYS A 466 15.27 -19.79 -13.89
N LYS A 467 15.44 -18.47 -14.08
CA LYS A 467 16.57 -17.64 -13.58
C LYS A 467 16.35 -17.37 -12.08
N ALA A 468 17.42 -17.46 -11.27
CA ALA A 468 17.43 -17.10 -9.83
C ALA A 468 17.26 -15.58 -9.70
N ILE A 469 16.11 -15.14 -9.21
CA ILE A 469 15.76 -13.70 -9.00
C ILE A 469 15.66 -13.44 -7.48
N ASP A 470 16.16 -12.30 -7.02
CA ASP A 470 16.17 -11.90 -5.58
C ASP A 470 15.27 -10.66 -5.36
N HIS A 471 14.31 -10.78 -4.44
CA HIS A 471 13.48 -9.65 -3.95
C HIS A 471 14.09 -9.13 -2.64
N GLY A 472 14.17 -7.81 -2.46
CA GLY A 472 14.77 -7.15 -1.28
C GLY A 472 13.73 -6.67 -0.27
N TRP A 473 13.81 -7.20 0.97
CA TRP A 473 12.94 -6.83 2.11
C TRP A 473 13.67 -5.84 2.99
N ILE A 474 12.96 -4.85 3.53
CA ILE A 474 13.36 -4.23 4.82
C ILE A 474 12.10 -3.87 5.61
N THR A 475 12.14 -4.11 6.93
CA THR A 475 11.05 -3.77 7.86
C THR A 475 11.64 -3.13 9.12
N GLY A 476 10.93 -2.18 9.71
CA GLY A 476 11.41 -1.51 10.93
C GLY A 476 10.48 -0.41 11.36
N PHE A 477 11.01 0.48 12.19
CA PHE A 477 10.27 1.57 12.88
C PHE A 477 11.17 2.80 12.94
N TYR A 478 10.55 3.97 12.87
CA TYR A 478 11.20 5.28 12.87
C TYR A 478 10.34 6.24 13.69
N PRO A 479 10.91 7.11 14.55
CA PRO A 479 12.31 7.08 14.92
C PRO A 479 12.66 5.91 15.87
N GLU A 480 13.94 5.82 16.25
CA GLU A 480 14.50 4.73 17.10
C GLU A 480 13.87 4.81 18.49
N GLU A 481 13.77 6.03 19.02
CA GLU A 481 13.51 6.32 20.45
C GLU A 481 12.03 6.14 20.77
N ARG A 482 11.16 6.85 20.09
CA ARG A 482 9.71 6.69 20.35
C ARG A 482 9.08 6.51 18.99
N PRO A 483 9.12 5.31 18.41
CA PRO A 483 8.66 5.12 17.06
C PRO A 483 7.22 5.57 16.83
N LYS A 484 7.03 6.22 15.70
CA LYS A 484 5.71 6.72 15.26
C LYS A 484 5.28 5.86 14.08
N TYR A 485 6.25 5.36 13.35
CA TYR A 485 6.01 4.69 12.05
C TYR A 485 6.57 3.27 12.04
N VAL A 486 5.76 2.38 11.51
CA VAL A 486 6.20 1.02 11.16
C VAL A 486 6.21 0.96 9.64
N ILE A 487 7.39 0.69 9.08
CA ILE A 487 7.70 0.83 7.63
C ILE A 487 8.20 -0.52 7.11
N THR A 488 7.61 -0.98 6.01
CA THR A 488 7.95 -2.21 5.30
C THR A 488 8.02 -1.91 3.81
N VAL A 489 9.12 -2.32 3.20
CA VAL A 489 9.39 -2.11 1.77
C VAL A 489 9.85 -3.43 1.16
N LEU A 490 9.38 -3.69 -0.04
CA LEU A 490 9.79 -4.87 -0.84
C LEU A 490 10.08 -4.34 -2.24
N VAL A 491 11.36 -4.43 -2.67
CA VAL A 491 11.81 -4.18 -4.07
C VAL A 491 11.98 -5.54 -4.77
N GLU A 492 11.10 -5.85 -5.71
CA GLU A 492 11.17 -7.06 -6.58
C GLU A 492 12.45 -6.99 -7.43
N GLY A 493 13.17 -8.11 -7.60
CA GLY A 493 14.23 -8.23 -8.63
C GLY A 493 13.64 -8.26 -10.04
N THR A 494 14.49 -8.03 -11.04
CA THR A 494 14.07 -8.12 -12.45
C THR A 494 15.18 -8.77 -13.28
N GLN A 495 14.87 -9.11 -14.52
CA GLN A 495 15.87 -9.71 -15.46
C GLN A 495 17.13 -8.85 -15.42
N LYS A 496 16.94 -7.52 -15.39
CA LYS A 496 18.01 -6.49 -15.33
C LYS A 496 18.80 -6.56 -14.01
N GLY A 497 18.23 -7.12 -12.93
CA GLY A 497 18.98 -7.38 -11.68
C GLY A 497 18.19 -7.07 -10.39
N ASN A 498 18.83 -7.37 -9.26
CA ASN A 498 18.26 -7.33 -7.89
C ASN A 498 18.68 -6.00 -7.22
N LYS A 499 17.94 -5.54 -6.21
CA LYS A 499 18.24 -4.30 -5.46
C LYS A 499 17.90 -4.49 -3.98
N SER A 500 18.60 -3.74 -3.13
CA SER A 500 18.31 -3.62 -1.68
C SER A 500 17.11 -2.69 -1.47
N ALA A 501 16.37 -2.92 -0.40
CA ALA A 501 15.24 -2.05 0.02
C ALA A 501 15.75 -0.92 0.92
N THR A 502 16.99 -1.00 1.40
CA THR A 502 17.53 -0.05 2.41
C THR A 502 17.45 1.37 1.89
N PRO A 503 17.86 1.67 0.63
CA PRO A 503 17.81 3.04 0.11
C PRO A 503 16.42 3.69 0.17
N ILE A 504 15.36 2.95 -0.18
CA ILE A 504 13.97 3.47 -0.21
C ILE A 504 13.49 3.71 1.22
N PHE A 505 13.87 2.85 2.16
CA PHE A 505 13.56 2.96 3.60
C PHE A 505 14.16 4.26 4.13
N LYS A 506 15.40 4.54 3.71
CA LYS A 506 16.16 5.76 4.06
C LYS A 506 15.45 7.01 3.53
N GLU A 507 15.04 7.02 2.26
CA GLU A 507 14.34 8.19 1.65
C GLU A 507 13.03 8.47 2.41
N ILE A 508 12.23 7.42 2.67
CA ILE A 508 10.95 7.50 3.45
C ILE A 508 11.26 8.22 4.76
N CYS A 509 12.21 7.72 5.53
CA CYS A 509 12.51 8.28 6.87
C CYS A 509 12.96 9.73 6.71
N GLU A 510 13.79 10.03 5.71
CA GLU A 510 14.32 11.39 5.47
C GLU A 510 13.16 12.33 5.08
N SER A 511 12.14 11.84 4.37
CA SER A 511 11.03 12.71 3.86
C SER A 511 9.93 12.95 4.92
N ILE A 512 9.86 12.19 6.03
CA ILE A 512 8.77 12.30 7.05
C ILE A 512 9.33 12.65 8.44
N LYS A 513 10.58 13.13 8.57
CA LYS A 513 11.18 13.55 9.87
C LYS A 513 10.30 14.64 10.52
C1 GOL B . 22.03 -19.40 25.66
O1 GOL B . 22.09 -17.98 25.75
C2 GOL B . 21.85 -20.04 27.01
O2 GOL B . 22.46 -19.24 28.03
C3 GOL B . 20.41 -20.35 27.36
O3 GOL B . 20.26 -20.63 28.75
C1 GOL C . -8.23 2.54 13.40
O1 GOL C . -9.37 2.94 12.66
C2 GOL C . -8.09 1.03 13.48
O2 GOL C . -6.71 0.67 13.41
C3 GOL C . -8.71 0.43 14.72
O3 GOL C . -9.18 -0.90 14.50
C1 GOL D . 14.67 -30.39 17.61
O1 GOL D . 14.86 -29.57 16.46
C2 GOL D . 13.86 -29.69 18.68
O2 GOL D . 12.59 -30.32 18.82
C3 GOL D . 14.57 -29.62 20.01
O3 GOL D . 13.65 -29.53 21.10
C1 GOL E . -9.65 19.93 -37.14
O1 GOL E . -10.58 19.27 -36.29
C2 GOL E . -9.91 21.43 -37.34
O2 GOL E . -9.84 21.74 -38.73
C3 GOL E . -11.22 21.93 -36.77
O3 GOL E . -11.03 23.01 -35.85
ZN ZN F . 28.11 -15.86 10.17
#